data_5FRW
#
_entry.id   5FRW
#
_cell.length_a   46.946
_cell.length_b   70.475
_cell.length_c   104.852
_cell.angle_alpha   90.00
_cell.angle_beta   90.00
_cell.angle_gamma   90.00
#
_symmetry.space_group_name_H-M   'P 21 21 21'
#
loop_
_entity.id
_entity.type
_entity.pdbx_description
1 polymer 'Positive phenol-degradative gene regulator'
2 non-polymer PHENOL
3 non-polymer 'ZINC ION'
4 water water
#
_entity_poly.entity_id   1
_entity_poly.type   'polypeptide(L)'
_entity_poly.pdbx_seq_one_letter_code
;MSSSTDNFSATMRDGLSNLARRLRFAMKEGSIWLGEQRMILLHTAALGALRKELVDTLGMERARGLFMRMGFHSGVRDAE
LAKTMRSGHSDFGMLEMGPCLHTIEGVVRVTPLTVDINIAAGVYHGEFLWEDSFEGDVHRQMFGVAQAPVCWMQIGYATG
YTSALMGKTILYRELECVGCGHPHCRILGKPLEQWEDGEAELALYQPDPVI
;
_entity_poly.pdbx_strand_id   A,B
#
loop_
_chem_comp.id
_chem_comp.type
_chem_comp.name
_chem_comp.formula
IPH non-polymer PHENOL 'C6 H6 O'
ZN non-polymer 'ZINC ION' 'Zn 2'
#
# COMPACT_ATOMS: atom_id res chain seq x y z
N PHE A 8 13.05 -14.33 -18.35
CA PHE A 8 12.24 -13.53 -19.26
C PHE A 8 12.62 -12.05 -19.20
N SER A 9 13.58 -11.73 -18.33
CA SER A 9 14.03 -10.36 -18.17
C SER A 9 15.55 -10.27 -18.26
N ALA A 10 16.02 -9.10 -18.66
CA ALA A 10 17.43 -8.82 -18.80
C ALA A 10 17.46 -7.33 -18.97
N THR A 11 18.46 -6.68 -18.39
CA THR A 11 19.59 -7.32 -17.77
C THR A 11 18.97 -7.29 -16.41
N MET A 12 17.68 -6.94 -16.45
CA MET A 12 16.94 -6.67 -15.22
C MET A 12 17.17 -7.74 -14.17
N ARG A 13 17.46 -8.95 -14.64
CA ARG A 13 17.72 -10.08 -13.73
C ARG A 13 18.67 -9.68 -12.61
N ASP A 14 19.84 -9.19 -12.99
CA ASP A 14 20.85 -8.78 -12.02
C ASP A 14 20.27 -7.82 -11.00
N GLY A 15 19.51 -6.83 -11.49
CA GLY A 15 18.90 -5.86 -10.63
C GLY A 15 17.98 -6.53 -9.67
N LEU A 16 17.11 -7.41 -10.18
CA LEU A 16 16.12 -8.07 -9.33
C LEU A 16 16.79 -8.92 -8.24
N SER A 17 17.84 -9.65 -8.61
CA SER A 17 18.57 -10.45 -7.64
C SER A 17 19.26 -9.57 -6.60
N ASN A 18 19.99 -8.55 -7.07
CA ASN A 18 20.72 -7.64 -6.20
C ASN A 18 19.86 -6.76 -5.31
N LEU A 19 18.54 -6.82 -5.50
CA LEU A 19 17.64 -5.91 -4.83
C LEU A 19 16.83 -6.62 -3.76
N ALA A 20 16.45 -7.86 -4.06
CA ALA A 20 15.71 -8.67 -3.11
C ALA A 20 16.51 -8.87 -1.84
N ARG A 21 17.82 -8.62 -1.92
CA ARG A 21 18.68 -8.73 -0.77
C ARG A 21 18.62 -7.48 0.10
N ARG A 22 18.07 -6.41 -0.48
CA ARG A 22 17.82 -5.20 0.30
C ARG A 22 16.41 -5.27 0.89
N LEU A 23 15.71 -6.37 0.62
CA LEU A 23 14.34 -6.53 1.04
C LEU A 23 14.27 -7.46 2.24
N ARG A 24 13.93 -6.93 3.40
CA ARG A 24 13.92 -7.73 4.61
C ARG A 24 12.54 -7.87 5.20
N PHE A 25 12.06 -9.12 5.24
CA PHE A 25 10.83 -9.49 5.90
C PHE A 25 11.09 -9.97 7.32
N ALA A 26 10.60 -9.25 8.31
CA ALA A 26 10.84 -9.63 9.69
C ALA A 26 9.53 -9.76 10.49
N MET A 27 8.96 -10.95 10.45
CA MET A 27 7.73 -11.24 11.19
C MET A 27 7.95 -11.44 12.68
N LYS A 28 9.17 -11.18 13.15
CA LYS A 28 9.49 -11.23 14.59
C LYS A 28 9.28 -9.84 15.14
N GLU A 29 8.91 -8.95 14.24
CA GLU A 29 8.79 -7.55 14.55
C GLU A 29 7.61 -6.97 13.78
N GLY A 30 6.99 -7.81 12.95
CA GLY A 30 5.88 -7.38 12.11
C GLY A 30 6.23 -6.22 11.20
N SER A 31 7.42 -6.26 10.61
CA SER A 31 7.80 -5.20 9.70
C SER A 31 8.41 -5.74 8.42
N ILE A 32 8.45 -4.86 7.42
CA ILE A 32 9.13 -5.10 6.16
C ILE A 32 9.96 -3.86 5.81
N TRP A 33 11.22 -4.06 5.50
CA TRP A 33 12.08 -2.95 5.10
C TRP A 33 12.66 -3.19 3.73
N LEU A 34 12.66 -2.16 2.89
CA LEU A 34 13.32 -2.23 1.60
C LEU A 34 14.34 -1.13 1.59
N GLY A 35 15.61 -1.50 1.57
CA GLY A 35 16.65 -0.53 1.80
C GLY A 35 16.40 0.00 3.19
N GLU A 36 16.28 1.32 3.30
CA GLU A 36 16.10 1.97 4.59
C GLU A 36 14.70 2.57 4.71
N GLN A 37 13.76 2.04 3.94
CA GLN A 37 12.40 2.52 3.97
C GLN A 37 11.48 1.44 4.47
N ARG A 38 10.63 1.75 5.44
CA ARG A 38 9.66 0.77 5.91
C ARG A 38 8.52 0.62 4.90
N MET A 39 8.13 -0.62 4.63
CA MET A 39 7.07 -0.95 3.66
C MET A 39 5.92 -1.72 4.34
N ILE A 40 4.72 -1.65 3.77
CA ILE A 40 3.67 -2.62 4.11
C ILE A 40 3.21 -3.34 2.85
N LEU A 41 2.67 -4.55 3.04
CA LEU A 41 1.98 -5.25 1.97
C LEU A 41 0.53 -4.80 2.01
N LEU A 42 0.04 -4.23 0.92
CA LEU A 42 -1.32 -3.72 0.91
C LEU A 42 -2.16 -4.34 -0.22
N HIS A 43 -3.37 -4.77 0.11
CA HIS A 43 -4.29 -5.35 -0.87
C HIS A 43 -4.64 -4.29 -1.93
N THR A 44 -4.45 -4.64 -3.20
CA THR A 44 -4.83 -3.71 -4.27
C THR A 44 -6.32 -3.38 -4.18
N ALA A 45 -7.11 -4.33 -3.70
CA ALA A 45 -8.55 -4.10 -3.59
C ALA A 45 -8.88 -3.03 -2.55
N ALA A 46 -8.07 -2.92 -1.49
CA ALA A 46 -8.24 -1.87 -0.51
C ALA A 46 -7.83 -0.50 -1.08
N LEU A 47 -6.72 -0.46 -1.80
CA LEU A 47 -6.33 0.76 -2.50
C LEU A 47 -7.38 1.13 -3.55
N GLY A 48 -7.98 0.12 -4.18
CA GLY A 48 -9.10 0.34 -5.08
C GLY A 48 -10.28 1.00 -4.38
N ALA A 49 -10.66 0.51 -3.20
CA ALA A 49 -11.80 1.07 -2.48
C ALA A 49 -11.53 2.52 -2.08
N LEU A 50 -10.32 2.81 -1.60
CA LEU A 50 -9.91 4.18 -1.35
C LEU A 50 -10.02 5.05 -2.61
N ARG A 51 -9.54 4.54 -3.73
CA ARG A 51 -9.58 5.32 -4.96
C ARG A 51 -11.01 5.66 -5.35
N LYS A 52 -11.90 4.68 -5.23
CA LYS A 52 -13.32 4.86 -5.53
C LYS A 52 -13.90 6.01 -4.71
N GLU A 53 -13.63 6.04 -3.41
CA GLU A 53 -14.18 7.09 -2.55
C GLU A 53 -13.56 8.43 -2.87
N LEU A 54 -12.27 8.41 -3.19
CA LEU A 54 -11.57 9.64 -3.53
C LEU A 54 -12.17 10.24 -4.81
N VAL A 55 -12.36 9.43 -5.84
CA VAL A 55 -12.90 9.96 -7.09
C VAL A 55 -14.34 10.40 -6.89
N ASP A 56 -15.10 9.60 -6.12
CA ASP A 56 -16.51 9.88 -5.89
C ASP A 56 -16.74 11.17 -5.11
N THR A 57 -15.88 11.49 -4.15
CA THR A 57 -16.13 12.69 -3.36
C THR A 57 -15.19 13.87 -3.64
N LEU A 58 -14.11 13.64 -4.37
CA LEU A 58 -13.20 14.72 -4.68
C LEU A 58 -13.19 15.06 -6.16
N GLY A 59 -13.61 14.11 -6.99
CA GLY A 59 -13.54 14.26 -8.44
C GLY A 59 -12.33 13.54 -9.01
N MET A 60 -12.35 13.20 -10.29
CA MET A 60 -11.29 12.39 -10.88
C MET A 60 -9.95 13.15 -10.96
N GLU A 61 -9.99 14.46 -11.19
CA GLU A 61 -8.78 15.24 -11.37
C GLU A 61 -7.99 15.41 -10.06
N ARG A 62 -8.67 15.75 -8.99
CA ARG A 62 -7.99 15.94 -7.72
C ARG A 62 -7.53 14.61 -7.12
N ALA A 63 -8.32 13.56 -7.34
CA ALA A 63 -7.95 12.20 -6.95
C ALA A 63 -6.73 11.72 -7.73
N ARG A 64 -6.67 12.05 -9.02
CA ARG A 64 -5.50 11.71 -9.82
C ARG A 64 -4.25 12.37 -9.25
N GLY A 65 -4.39 13.61 -8.78
CA GLY A 65 -3.28 14.33 -8.19
C GLY A 65 -2.74 13.68 -6.93
N LEU A 66 -3.63 13.34 -6.01
CA LEU A 66 -3.26 12.64 -4.77
C LEU A 66 -2.47 11.37 -5.02
N PHE A 67 -2.85 10.63 -6.05
CA PHE A 67 -2.18 9.37 -6.35
C PHE A 67 -0.85 9.56 -7.04
N MET A 68 -0.79 10.49 -8.00
CA MET A 68 0.47 10.81 -8.64
C MET A 68 1.49 11.26 -7.59
N ARG A 69 1.06 12.07 -6.62
CA ARG A 69 1.99 12.54 -5.58
C ARG A 69 2.45 11.38 -4.69
N MET A 70 1.52 10.48 -4.38
CA MET A 70 1.86 9.34 -3.55
C MET A 70 2.91 8.52 -4.30
N GLY A 71 2.68 8.25 -5.58
CA GLY A 71 3.66 7.58 -6.43
C GLY A 71 4.99 8.30 -6.50
N PHE A 72 4.93 9.62 -6.62
CA PHE A 72 6.11 10.47 -6.67
C PHE A 72 6.98 10.25 -5.42
N HIS A 73 6.35 10.20 -4.26
CA HIS A 73 7.09 9.99 -3.01
C HIS A 73 7.77 8.63 -2.98
N SER A 74 7.08 7.59 -3.47
CA SER A 74 7.65 6.26 -3.51
C SER A 74 8.89 6.21 -4.40
N GLY A 75 8.75 6.76 -5.60
CA GLY A 75 9.84 6.79 -6.55
C GLY A 75 11.06 7.53 -6.04
N VAL A 76 10.83 8.68 -5.41
CA VAL A 76 11.93 9.47 -4.86
C VAL A 76 12.68 8.65 -3.82
N ARG A 77 11.97 7.90 -2.97
CA ARG A 77 12.66 7.10 -1.95
C ARG A 77 13.47 5.98 -2.54
N ASP A 78 12.92 5.36 -3.58
CA ASP A 78 13.60 4.24 -4.21
C ASP A 78 14.83 4.70 -4.98
N ALA A 79 14.82 5.93 -5.47
CA ALA A 79 15.99 6.46 -6.15
C ALA A 79 17.15 6.59 -5.17
N GLU A 80 16.84 6.85 -3.91
CA GLU A 80 17.89 7.01 -2.91
C GLU A 80 18.53 5.66 -2.74
N LEU A 81 17.72 4.61 -2.64
CA LEU A 81 18.23 3.25 -2.52
C LEU A 81 19.08 2.89 -3.74
N ALA A 82 18.60 3.24 -4.92
CA ALA A 82 19.35 3.06 -6.17
C ALA A 82 20.73 3.70 -6.11
N LYS A 83 20.79 4.92 -5.59
CA LYS A 83 22.03 5.66 -5.50
C LYS A 83 23.02 5.11 -4.46
N THR A 84 22.56 4.18 -3.62
CA THR A 84 23.40 3.58 -2.60
C THR A 84 24.33 2.53 -3.19
N MET A 85 23.95 2.02 -4.36
CA MET A 85 24.75 1.00 -5.05
C MET A 85 25.23 1.42 -6.43
N ARG A 86 25.52 2.70 -6.60
CA ARG A 86 25.98 3.24 -7.88
C ARG A 86 27.38 2.77 -8.28
N SER A 87 28.25 2.58 -7.29
CA SER A 87 29.61 2.13 -7.54
C SER A 87 29.64 0.95 -8.51
N GLY A 88 30.24 1.16 -9.68
CA GLY A 88 30.33 0.11 -10.68
C GLY A 88 29.03 -0.07 -11.44
N HIS A 89 28.43 1.05 -11.86
CA HIS A 89 27.11 1.03 -12.47
C HIS A 89 26.97 2.15 -13.48
N SER A 90 26.60 1.83 -14.72
CA SER A 90 26.38 2.89 -15.71
C SER A 90 25.12 3.68 -15.40
N ASP A 91 24.93 4.79 -16.13
CA ASP A 91 23.72 5.60 -15.96
C ASP A 91 22.49 4.77 -16.23
N PHE A 92 22.52 3.98 -17.30
CA PHE A 92 21.38 3.14 -17.59
C PHE A 92 21.21 2.08 -16.50
N GLY A 93 22.31 1.54 -15.99
CA GLY A 93 22.26 0.50 -14.98
C GLY A 93 21.62 1.03 -13.69
N MET A 94 21.85 2.30 -13.40
CA MET A 94 21.21 2.96 -12.27
C MET A 94 19.75 3.27 -12.57
N LEU A 95 19.49 3.75 -13.78
CA LEU A 95 18.12 4.03 -14.20
C LEU A 95 17.27 2.79 -14.06
N GLU A 96 17.83 1.65 -14.47
CA GLU A 96 17.06 0.42 -14.67
C GLU A 96 16.55 -0.16 -13.35
N MET A 97 17.14 0.29 -12.27
CA MET A 97 16.74 -0.09 -10.93
C MET A 97 15.32 0.34 -10.62
N GLY A 98 14.91 1.47 -11.18
CA GLY A 98 13.53 1.90 -11.09
C GLY A 98 12.59 0.84 -11.62
N PRO A 99 12.71 0.49 -12.91
CA PRO A 99 11.96 -0.63 -13.48
C PRO A 99 11.97 -1.89 -12.59
N CYS A 100 13.12 -2.24 -12.04
CA CYS A 100 13.26 -3.40 -11.17
C CYS A 100 12.47 -3.24 -9.89
N LEU A 101 12.61 -2.08 -9.25
CA LEU A 101 11.95 -1.87 -7.97
C LEU A 101 10.44 -1.85 -8.19
N HIS A 102 10.01 -1.27 -9.31
CA HIS A 102 8.58 -1.23 -9.64
C HIS A 102 8.00 -2.63 -9.82
N THR A 103 8.85 -3.58 -10.21
CA THR A 103 8.43 -4.96 -10.43
C THR A 103 8.41 -5.75 -9.12
N ILE A 104 9.45 -5.56 -8.30
CA ILE A 104 9.58 -6.26 -7.02
C ILE A 104 8.50 -5.86 -6.04
N GLU A 105 8.05 -4.63 -6.14
CA GLU A 105 6.99 -4.13 -5.29
C GLU A 105 5.62 -4.55 -5.82
N GLY A 106 5.62 -5.30 -6.93
CA GLY A 106 4.41 -5.92 -7.46
C GLY A 106 3.45 -4.91 -8.06
N VAL A 107 3.99 -3.78 -8.46
CA VAL A 107 3.18 -2.72 -9.01
C VAL A 107 2.89 -3.00 -10.49
N VAL A 108 3.93 -3.36 -11.23
CA VAL A 108 3.87 -3.52 -12.66
C VAL A 108 5.11 -4.26 -13.15
N ARG A 109 4.98 -4.99 -14.25
CA ARG A 109 6.15 -5.57 -14.91
C ARG A 109 6.68 -4.58 -15.92
N VAL A 110 7.89 -4.09 -15.68
CA VAL A 110 8.45 -3.03 -16.52
C VAL A 110 9.51 -3.55 -17.47
N THR A 111 9.38 -3.16 -18.74
CA THR A 111 10.40 -3.45 -19.75
C THR A 111 10.87 -2.19 -20.44
N PRO A 112 12.14 -1.83 -20.25
CA PRO A 112 12.63 -0.65 -20.97
C PRO A 112 12.57 -0.88 -22.46
N LEU A 113 11.97 0.03 -23.22
CA LEU A 113 11.91 -0.13 -24.66
C LEU A 113 13.12 0.51 -25.34
N THR A 114 13.34 1.80 -25.12
CA THR A 114 14.66 2.36 -25.38
C THR A 114 14.92 3.54 -24.45
N VAL A 115 16.14 3.63 -23.99
CA VAL A 115 16.50 4.65 -23.03
C VAL A 115 17.78 5.34 -23.42
N ASP A 116 17.69 6.65 -23.57
CA ASP A 116 18.85 7.49 -23.77
C ASP A 116 19.02 8.30 -22.48
N ILE A 117 20.05 7.99 -21.69
CA ILE A 117 20.27 8.70 -20.42
C ILE A 117 21.72 9.14 -20.18
N ASN A 118 21.86 10.41 -19.76
CA ASN A 118 23.14 10.97 -19.38
C ASN A 118 22.92 11.90 -18.20
N ILE A 119 23.33 11.46 -17.02
CA ILE A 119 23.00 12.20 -15.79
C ILE A 119 23.84 13.48 -15.68
N ALA A 120 25.13 13.34 -15.91
CA ALA A 120 26.04 14.48 -15.88
C ALA A 120 25.66 15.57 -16.88
N ALA A 121 25.15 15.16 -18.03
CA ALA A 121 24.81 16.11 -19.08
C ALA A 121 23.35 16.55 -19.05
N GLY A 122 22.54 15.92 -18.23
CA GLY A 122 21.13 16.30 -18.15
C GLY A 122 20.29 15.84 -19.33
N VAL A 123 20.70 14.74 -19.97
CA VAL A 123 19.95 14.23 -21.09
C VAL A 123 19.16 12.97 -20.67
N TYR A 124 17.86 12.95 -20.96
CA TYR A 124 17.04 11.76 -20.73
C TYR A 124 15.90 11.64 -21.73
N HIS A 125 15.79 10.47 -22.32
CA HIS A 125 14.64 10.14 -23.14
C HIS A 125 14.35 8.67 -22.90
N GLY A 126 13.20 8.37 -22.31
CA GLY A 126 12.88 6.99 -21.97
C GLY A 126 11.48 6.51 -22.34
N GLU A 127 11.40 5.37 -23.01
CA GLU A 127 10.12 4.71 -23.24
C GLU A 127 10.14 3.29 -22.69
N PHE A 128 9.07 2.92 -22.00
CA PHE A 128 8.99 1.65 -21.30
C PHE A 128 7.66 1.00 -21.59
N LEU A 129 7.65 -0.32 -21.61
CA LEU A 129 6.42 -1.11 -21.64
C LEU A 129 6.03 -1.47 -20.22
N TRP A 130 4.73 -1.35 -19.92
CA TRP A 130 4.17 -1.75 -18.64
C TRP A 130 3.19 -2.90 -18.84
N GLU A 131 3.52 -4.05 -18.28
CA GLU A 131 2.64 -5.21 -18.36
C GLU A 131 2.04 -5.50 -16.98
N ASP A 132 0.77 -5.85 -16.96
CA ASP A 132 0.06 -6.23 -15.73
C ASP A 132 0.02 -5.12 -14.66
N SER A 133 -0.19 -3.87 -15.09
CA SER A 133 -0.30 -2.76 -14.16
C SER A 133 -1.41 -3.05 -13.16
N PHE A 134 -1.09 -3.03 -11.87
CA PHE A 134 -2.13 -3.22 -10.86
C PHE A 134 -3.12 -2.09 -10.96
N GLU A 135 -2.64 -0.92 -11.34
CA GLU A 135 -3.45 0.27 -11.18
C GLU A 135 -4.51 0.31 -12.27
N GLY A 136 -4.10 -0.10 -13.47
CA GLY A 136 -5.03 -0.21 -14.58
C GLY A 136 -6.15 -1.17 -14.27
N ASP A 137 -5.81 -2.36 -13.76
CA ASP A 137 -6.82 -3.37 -13.46
C ASP A 137 -7.75 -2.91 -12.35
N VAL A 138 -7.18 -2.46 -11.24
CA VAL A 138 -7.95 -1.92 -10.13
C VAL A 138 -8.95 -0.86 -10.59
N HIS A 139 -8.52 -0.02 -11.54
CA HIS A 139 -9.39 1.07 -11.99
C HIS A 139 -10.62 0.56 -12.75
N ARG A 140 -10.39 -0.37 -13.68
CA ARG A 140 -11.47 -0.92 -14.49
C ARG A 140 -12.48 -1.63 -13.60
N GLN A 141 -11.98 -2.38 -12.61
CA GLN A 141 -12.85 -3.06 -11.65
C GLN A 141 -13.68 -2.11 -10.82
N MET A 142 -13.13 -0.96 -10.46
CA MET A 142 -13.91 0.01 -9.70
C MET A 142 -14.76 0.90 -10.61
N PHE A 143 -14.27 1.19 -11.81
CA PHE A 143 -14.92 2.20 -12.65
C PHE A 143 -15.32 1.74 -14.04
N GLY A 144 -14.78 0.62 -14.47
CA GLY A 144 -14.92 0.26 -15.87
C GLY A 144 -13.89 1.03 -16.68
N VAL A 145 -13.95 0.83 -18.00
CA VAL A 145 -12.99 1.42 -18.93
C VAL A 145 -12.97 2.95 -18.84
N ALA A 146 -11.78 3.52 -19.01
CA ALA A 146 -11.59 4.95 -18.89
C ALA A 146 -11.24 5.57 -20.21
N GLN A 147 -11.29 6.89 -20.24
CA GLN A 147 -11.29 7.62 -21.49
C GLN A 147 -10.01 8.39 -21.55
N ALA A 148 -9.15 8.14 -20.57
CA ALA A 148 -7.75 8.57 -20.54
C ALA A 148 -6.98 7.64 -19.59
N PRO A 149 -5.66 7.45 -19.83
CA PRO A 149 -4.81 6.54 -19.02
C PRO A 149 -4.97 6.75 -17.51
N VAL A 150 -4.91 5.68 -16.74
CA VAL A 150 -5.28 5.76 -15.32
C VAL A 150 -4.21 5.30 -14.34
N CYS A 151 -3.03 4.92 -14.83
CA CYS A 151 -1.99 4.45 -13.92
C CYS A 151 -1.28 5.66 -13.28
N TRP A 152 -2.00 6.36 -12.40
CA TRP A 152 -1.60 7.62 -11.80
C TRP A 152 -0.44 7.48 -10.83
N MET A 153 -0.62 6.62 -9.83
CA MET A 153 0.45 6.32 -8.92
C MET A 153 1.67 5.79 -9.65
N GLN A 154 1.46 4.96 -10.67
CA GLN A 154 2.58 4.38 -11.39
C GLN A 154 3.38 5.44 -12.18
N ILE A 155 2.70 6.43 -12.75
CA ILE A 155 3.37 7.51 -13.50
C ILE A 155 4.10 8.43 -12.52
N GLY A 156 3.46 8.72 -11.39
CA GLY A 156 4.07 9.52 -10.35
C GLY A 156 5.39 8.90 -9.92
N TYR A 157 5.41 7.58 -9.80
CA TYR A 157 6.61 6.86 -9.39
C TYR A 157 7.75 7.00 -10.41
N ALA A 158 7.45 6.78 -11.69
CA ALA A 158 8.48 6.93 -12.73
C ALA A 158 9.03 8.36 -12.74
N THR A 159 8.13 9.31 -12.56
CA THR A 159 8.50 10.73 -12.52
C THR A 159 9.41 11.06 -11.33
N GLY A 160 9.03 10.60 -10.14
CA GLY A 160 9.79 10.82 -8.93
C GLY A 160 11.13 10.10 -8.93
N TYR A 161 11.12 8.83 -9.31
CA TYR A 161 12.35 8.05 -9.37
C TYR A 161 13.35 8.66 -10.36
N THR A 162 12.89 8.99 -11.56
CA THR A 162 13.80 9.46 -12.59
C THR A 162 14.28 10.85 -12.32
N SER A 163 13.40 11.69 -11.78
CA SER A 163 13.78 13.05 -11.44
C SER A 163 14.82 13.07 -10.31
N ALA A 164 14.58 12.30 -9.26
CA ALA A 164 15.54 12.23 -8.16
C ALA A 164 16.88 11.69 -8.65
N LEU A 165 16.84 10.77 -9.60
CA LEU A 165 18.09 10.21 -10.14
C LEU A 165 18.86 11.24 -10.98
N MET A 166 18.15 12.03 -11.78
CA MET A 166 18.74 13.01 -12.68
C MET A 166 19.07 14.32 -11.98
N GLY A 167 18.41 14.59 -10.86
CA GLY A 167 18.53 15.92 -10.27
C GLY A 167 17.85 16.96 -11.14
N LYS A 168 16.92 16.54 -12.00
CA LYS A 168 16.07 17.48 -12.73
C LYS A 168 14.71 16.87 -13.00
N THR A 169 13.73 17.71 -13.29
CA THR A 169 12.37 17.21 -13.40
C THR A 169 12.19 16.48 -14.72
N ILE A 170 11.90 15.19 -14.61
CA ILE A 170 11.62 14.35 -15.75
C ILE A 170 10.17 13.95 -15.62
N LEU A 171 9.32 14.42 -16.54
CA LEU A 171 7.91 14.05 -16.47
C LEU A 171 7.62 12.87 -17.37
N TYR A 172 6.72 11.99 -16.93
CA TYR A 172 6.27 10.87 -17.76
C TYR A 172 4.81 10.97 -18.13
N ARG A 173 4.49 10.39 -19.27
CA ARG A 173 3.11 10.33 -19.76
C ARG A 173 2.83 8.93 -20.27
N GLU A 174 1.64 8.43 -19.98
CA GLU A 174 1.20 7.17 -20.56
C GLU A 174 0.69 7.42 -21.97
N LEU A 175 1.29 6.78 -22.97
CA LEU A 175 0.80 6.89 -24.36
C LEU A 175 -0.22 5.80 -24.68
N GLU A 176 -0.24 4.73 -23.90
CA GLU A 176 -1.35 3.79 -23.96
C GLU A 176 -1.50 3.13 -22.60
N CYS A 177 -2.69 2.64 -22.30
CA CYS A 177 -2.99 2.16 -20.96
C CYS A 177 -4.09 1.11 -20.98
N VAL A 178 -3.90 0.06 -20.20
CA VAL A 178 -4.88 -1.01 -20.09
C VAL A 178 -6.20 -0.49 -19.54
N GLY A 179 -6.12 0.61 -18.80
CA GLY A 179 -7.32 1.16 -18.19
C GLY A 179 -8.25 1.66 -19.29
N CYS A 180 -7.67 1.91 -20.45
CA CYS A 180 -8.41 2.37 -21.61
C CYS A 180 -8.80 1.20 -22.48
N GLY A 181 -8.37 0.01 -22.09
CA GLY A 181 -8.67 -1.20 -22.84
C GLY A 181 -7.64 -1.54 -23.89
N HIS A 182 -6.39 -1.16 -23.63
CA HIS A 182 -5.28 -1.59 -24.49
C HIS A 182 -4.76 -2.91 -23.92
N PRO A 183 -3.93 -3.63 -24.68
CA PRO A 183 -3.36 -4.87 -24.13
C PRO A 183 -2.30 -4.64 -23.04
N HIS A 184 -1.76 -3.43 -22.98
CA HIS A 184 -0.65 -3.15 -22.07
C HIS A 184 -0.55 -1.63 -21.92
N CYS A 185 0.33 -1.16 -21.04
CA CYS A 185 0.56 0.26 -20.91
C CYS A 185 1.92 0.60 -21.54
N ARG A 186 2.09 1.85 -21.97
CA ARG A 186 3.37 2.28 -22.50
C ARG A 186 3.57 3.75 -22.18
N ILE A 187 4.79 4.09 -21.78
CA ILE A 187 5.07 5.42 -21.27
C ILE A 187 6.29 6.03 -21.92
N LEU A 188 6.37 7.35 -21.85
CA LEU A 188 7.50 8.12 -22.36
C LEU A 188 7.92 9.14 -21.31
N GLY A 189 9.20 9.19 -21.00
CA GLY A 189 9.68 10.16 -20.02
C GLY A 189 10.74 11.04 -20.64
N LYS A 190 10.68 12.34 -20.38
CA LYS A 190 11.68 13.29 -20.86
C LYS A 190 11.61 14.58 -20.05
N PRO A 191 12.67 15.41 -20.09
CA PRO A 191 12.69 16.64 -19.29
C PRO A 191 11.45 17.51 -19.45
N LEU A 192 11.09 18.16 -18.35
CA LEU A 192 9.96 19.09 -18.27
C LEU A 192 9.89 20.00 -19.48
N GLU A 193 11.00 20.68 -19.76
CA GLU A 193 11.14 21.58 -20.92
C GLU A 193 10.57 21.10 -22.24
N GLN A 194 10.62 19.78 -22.41
CA GLN A 194 10.42 19.14 -23.71
C GLN A 194 8.97 18.72 -23.88
N TRP A 195 8.13 18.97 -22.88
CA TRP A 195 6.69 18.71 -22.98
C TRP A 195 5.98 20.02 -23.28
N GLU A 196 5.11 20.04 -24.28
CA GLU A 196 4.48 21.30 -24.70
C GLU A 196 3.64 21.91 -23.58
N ASP A 197 2.90 21.07 -22.86
CA ASP A 197 2.12 21.56 -21.72
C ASP A 197 2.72 21.06 -20.40
N GLY A 198 4.04 20.95 -20.36
CA GLY A 198 4.73 20.38 -19.22
C GLY A 198 4.50 21.12 -17.92
N GLU A 199 4.52 22.44 -17.99
CA GLU A 199 4.43 23.24 -16.78
C GLU A 199 3.10 22.99 -16.06
N ALA A 200 2.08 22.62 -16.82
CA ALA A 200 0.76 22.36 -16.27
C ALA A 200 0.65 20.93 -15.72
N GLU A 201 1.39 20.00 -16.31
CA GLU A 201 1.47 18.65 -15.77
C GLU A 201 2.16 18.74 -14.44
N LEU A 202 3.17 19.60 -14.38
CA LEU A 202 3.96 19.83 -13.19
C LEU A 202 3.08 20.26 -12.04
N ALA A 203 2.01 21.00 -12.33
CA ALA A 203 1.09 21.48 -11.29
C ALA A 203 0.40 20.33 -10.55
N LEU A 204 0.41 19.14 -11.14
CA LEU A 204 -0.25 17.98 -10.54
C LEU A 204 0.57 17.40 -9.39
N TYR A 205 1.86 17.73 -9.35
CA TYR A 205 2.76 17.14 -8.35
C TYR A 205 2.90 18.01 -7.10
N GLN A 206 2.15 19.10 -7.07
CA GLN A 206 2.15 19.98 -5.90
C GLN A 206 0.85 19.83 -5.11
N PRO A 207 0.97 19.66 -3.78
CA PRO A 207 -0.11 19.29 -2.86
C PRO A 207 -1.45 20.05 -2.73
N ASP A 208 -1.44 21.33 -2.38
CA ASP A 208 -2.72 22.02 -2.13
C ASP A 208 -3.47 22.31 -3.42
N THR B 11 0.58 -20.29 20.79
CA THR B 11 0.75 -18.89 20.36
C THR B 11 1.42 -18.89 18.97
N MET B 12 0.55 -19.01 17.98
CA MET B 12 0.92 -19.57 16.69
C MET B 12 2.16 -18.77 16.20
N ARG B 13 3.28 -19.49 16.14
CA ARG B 13 4.36 -19.37 15.19
C ARG B 13 3.94 -20.23 14.02
N ASP B 14 3.13 -21.25 14.33
CA ASP B 14 2.59 -22.19 13.36
C ASP B 14 1.71 -21.48 12.31
N GLY B 15 1.04 -20.42 12.73
CA GLY B 15 0.25 -19.61 11.83
C GLY B 15 1.12 -18.79 10.91
N LEU B 16 2.20 -18.21 11.44
CA LEU B 16 3.08 -17.39 10.61
C LEU B 16 3.68 -18.23 9.49
N SER B 17 4.30 -19.35 9.85
CA SER B 17 4.92 -20.22 8.85
C SER B 17 3.93 -20.79 7.84
N ASN B 18 2.72 -21.10 8.29
CA ASN B 18 1.73 -21.65 7.36
C ASN B 18 1.01 -20.59 6.54
N LEU B 19 0.77 -19.41 7.09
CA LEU B 19 0.17 -18.38 6.28
C LEU B 19 1.21 -17.74 5.36
N ALA B 20 2.46 -17.63 5.82
CA ALA B 20 3.52 -17.01 5.03
C ALA B 20 3.79 -17.76 3.73
N ARG B 21 3.47 -19.06 3.71
CA ARG B 21 3.59 -19.86 2.49
C ARG B 21 2.54 -19.47 1.46
N ARG B 22 1.46 -18.82 1.90
CA ARG B 22 0.42 -18.35 1.00
C ARG B 22 0.85 -17.06 0.28
N LEU B 23 2.00 -16.52 0.66
CA LEU B 23 2.52 -15.29 0.08
C LEU B 23 3.57 -15.56 -1.00
N ARG B 24 3.30 -15.20 -2.24
CA ARG B 24 4.31 -15.43 -3.28
C ARG B 24 4.54 -14.25 -4.22
N PHE B 25 5.76 -14.20 -4.76
CA PHE B 25 6.17 -13.11 -5.64
C PHE B 25 6.30 -13.65 -7.04
N ALA B 26 5.35 -13.30 -7.90
CA ALA B 26 5.42 -13.67 -9.31
C ALA B 26 6.03 -12.52 -10.08
N MET B 27 7.36 -12.44 -10.07
CA MET B 27 8.06 -11.34 -10.72
C MET B 27 7.77 -11.22 -12.22
N LYS B 28 7.73 -12.36 -12.91
CA LYS B 28 7.49 -12.36 -14.35
C LYS B 28 6.15 -11.69 -14.71
N GLU B 29 5.19 -11.72 -13.79
CA GLU B 29 3.95 -10.99 -14.01
C GLU B 29 3.92 -9.72 -13.16
N GLY B 30 5.09 -9.33 -12.64
CA GLY B 30 5.22 -8.14 -11.80
C GLY B 30 4.14 -8.06 -10.73
N SER B 31 3.86 -9.18 -10.07
CA SER B 31 2.80 -9.18 -9.08
C SER B 31 3.16 -9.98 -7.83
N ILE B 32 2.43 -9.69 -6.76
CA ILE B 32 2.62 -10.34 -5.48
C ILE B 32 1.26 -10.82 -5.06
N TRP B 33 1.17 -12.07 -4.61
CA TRP B 33 -0.09 -12.68 -4.23
C TRP B 33 -0.09 -13.17 -2.79
N LEU B 34 -1.11 -12.81 -2.04
CA LEU B 34 -1.36 -13.39 -0.73
C LEU B 34 -2.65 -14.17 -0.84
N GLY B 35 -2.54 -15.48 -0.94
CA GLY B 35 -3.71 -16.29 -1.25
C GLY B 35 -4.18 -15.97 -2.66
N GLU B 36 -5.39 -15.45 -2.76
CA GLU B 36 -5.96 -15.09 -4.05
C GLU B 36 -6.01 -13.57 -4.29
N GLN B 37 -5.44 -12.80 -3.37
CA GLN B 37 -5.46 -11.34 -3.45
C GLN B 37 -4.15 -10.78 -3.99
N ARG B 38 -4.22 -9.89 -4.98
CA ARG B 38 -2.99 -9.24 -5.42
C ARG B 38 -2.58 -8.15 -4.41
N MET B 39 -1.29 -8.08 -4.09
CA MET B 39 -0.78 -7.10 -3.11
C MET B 39 0.30 -6.22 -3.72
N ILE B 40 0.52 -5.02 -3.20
CA ILE B 40 1.73 -4.30 -3.57
C ILE B 40 2.55 -3.98 -2.34
N LEU B 41 3.87 -3.87 -2.50
CA LEU B 41 4.68 -3.31 -1.44
C LEU B 41 4.62 -1.80 -1.57
N LEU B 42 4.15 -1.12 -0.53
CA LEU B 42 4.05 0.32 -0.56
C LEU B 42 4.86 0.93 0.58
N HIS B 43 5.53 2.04 0.31
CA HIS B 43 6.35 2.72 1.31
C HIS B 43 5.44 3.34 2.32
N THR B 44 5.69 3.13 3.61
CA THR B 44 4.86 3.82 4.60
C THR B 44 4.98 5.34 4.46
N ALA B 45 6.16 5.80 4.06
CA ALA B 45 6.38 7.24 3.85
C ALA B 45 5.37 7.82 2.87
N ALA B 46 5.08 7.08 1.81
CA ALA B 46 4.17 7.53 0.77
C ALA B 46 2.73 7.53 1.29
N LEU B 47 2.37 6.46 1.98
CA LEU B 47 1.04 6.36 2.59
C LEU B 47 0.85 7.51 3.56
N GLY B 48 1.92 7.83 4.30
CA GLY B 48 1.89 8.92 5.24
C GLY B 48 1.73 10.29 4.61
N ALA B 49 2.41 10.50 3.49
CA ALA B 49 2.20 11.71 2.69
C ALA B 49 0.73 11.83 2.25
N LEU B 50 0.14 10.72 1.81
CA LEU B 50 -1.28 10.72 1.46
C LEU B 50 -2.15 11.09 2.66
N ARG B 51 -1.88 10.46 3.80
CA ARG B 51 -2.63 10.77 5.01
C ARG B 51 -2.58 12.26 5.35
N LYS B 52 -1.40 12.88 5.25
CA LYS B 52 -1.28 14.30 5.60
C LYS B 52 -2.14 15.17 4.66
N GLU B 53 -2.10 14.89 3.37
CA GLU B 53 -2.91 15.63 2.42
C GLU B 53 -4.41 15.48 2.71
N LEU B 54 -4.84 14.25 2.99
CA LEU B 54 -6.23 13.97 3.31
C LEU B 54 -6.66 14.67 4.60
N VAL B 55 -5.80 14.63 5.62
CA VAL B 55 -6.10 15.32 6.89
C VAL B 55 -6.10 16.85 6.68
N ASP B 56 -5.11 17.36 5.95
CA ASP B 56 -5.00 18.81 5.71
C ASP B 56 -6.18 19.36 4.94
N THR B 57 -6.64 18.64 3.92
CA THR B 57 -7.64 19.16 3.02
C THR B 57 -9.07 18.75 3.40
N LEU B 58 -9.22 17.58 3.98
CA LEU B 58 -10.56 17.09 4.30
C LEU B 58 -10.82 17.03 5.81
N GLY B 59 -9.86 17.41 6.64
CA GLY B 59 -10.04 17.34 8.07
C GLY B 59 -9.87 15.94 8.64
N MET B 60 -9.54 15.85 9.93
CA MET B 60 -9.16 14.58 10.54
C MET B 60 -10.27 13.55 10.58
N GLU B 61 -11.49 13.97 10.89
CA GLU B 61 -12.60 13.04 11.06
C GLU B 61 -12.97 12.32 9.77
N ARG B 62 -12.99 13.07 8.67
CA ARG B 62 -13.22 12.53 7.34
C ARG B 62 -12.06 11.64 6.87
N ALA B 63 -10.83 12.04 7.18
CA ALA B 63 -9.65 11.24 6.83
C ALA B 63 -9.61 9.93 7.61
N ARG B 64 -10.00 10.00 8.88
CA ARG B 64 -10.10 8.84 9.74
C ARG B 64 -11.06 7.81 9.13
N GLY B 65 -12.22 8.26 8.67
CA GLY B 65 -13.20 7.38 8.05
C GLY B 65 -12.70 6.67 6.80
N LEU B 66 -12.10 7.43 5.88
CA LEU B 66 -11.49 6.85 4.68
C LEU B 66 -10.51 5.72 4.99
N PHE B 67 -9.65 5.92 5.99
CA PHE B 67 -8.63 4.92 6.30
C PHE B 67 -9.20 3.70 7.02
N MET B 68 -10.18 3.90 7.90
CA MET B 68 -10.82 2.76 8.56
C MET B 68 -11.51 1.88 7.53
N ARG B 69 -12.15 2.50 6.54
CA ARG B 69 -12.87 1.72 5.53
C ARG B 69 -11.85 1.04 4.63
N MET B 70 -10.73 1.69 4.33
CA MET B 70 -9.72 0.98 3.55
C MET B 70 -9.18 -0.25 4.31
N GLY B 71 -8.96 -0.11 5.61
CA GLY B 71 -8.49 -1.22 6.41
C GLY B 71 -9.52 -2.34 6.49
N PHE B 72 -10.78 -1.94 6.68
CA PHE B 72 -11.89 -2.86 6.69
C PHE B 72 -11.87 -3.78 5.46
N HIS B 73 -11.68 -3.19 4.28
CA HIS B 73 -11.67 -3.99 3.06
C HIS B 73 -10.53 -4.99 3.04
N SER B 74 -9.37 -4.57 3.52
CA SER B 74 -8.23 -5.49 3.66
C SER B 74 -8.59 -6.68 4.57
N GLY B 75 -9.16 -6.38 5.73
CA GLY B 75 -9.51 -7.37 6.73
C GLY B 75 -10.52 -8.38 6.21
N VAL B 76 -11.58 -7.91 5.55
CA VAL B 76 -12.58 -8.81 4.96
C VAL B 76 -11.94 -9.79 4.02
N ARG B 77 -10.98 -9.32 3.24
CA ARG B 77 -10.38 -10.18 2.24
C ARG B 77 -9.36 -11.16 2.83
N ASP B 78 -8.65 -10.78 3.88
CA ASP B 78 -7.82 -11.76 4.58
C ASP B 78 -8.67 -12.82 5.29
N ALA B 79 -9.86 -12.44 5.75
CA ALA B 79 -10.77 -13.43 6.34
C ALA B 79 -11.20 -14.49 5.32
N GLU B 80 -11.40 -14.08 4.07
CA GLU B 80 -11.74 -15.01 2.98
C GLU B 80 -10.63 -16.02 2.76
N LEU B 81 -9.40 -15.58 2.97
CA LEU B 81 -8.24 -16.45 2.89
C LEU B 81 -8.20 -17.40 4.07
N ALA B 82 -8.50 -16.86 5.25
CA ALA B 82 -8.49 -17.66 6.48
C ALA B 82 -9.51 -18.81 6.40
N LYS B 83 -10.70 -18.47 5.94
CA LYS B 83 -11.76 -19.44 5.74
C LYS B 83 -11.36 -20.59 4.81
N THR B 84 -10.60 -20.32 3.75
CA THR B 84 -10.15 -21.43 2.90
C THR B 84 -9.29 -22.43 3.67
N MET B 85 -8.53 -21.95 4.66
CA MET B 85 -7.67 -22.83 5.45
C MET B 85 -8.34 -23.28 6.75
N ARG B 86 -9.67 -23.36 6.74
CA ARG B 86 -10.49 -23.70 7.91
C ARG B 86 -10.30 -25.10 8.47
N SER B 87 -9.81 -26.02 7.64
CA SER B 87 -9.75 -27.42 8.02
C SER B 87 -8.73 -27.65 9.13
N GLY B 88 -9.15 -28.37 10.17
CA GLY B 88 -8.27 -28.71 11.27
C GLY B 88 -7.89 -27.52 12.14
N HIS B 89 -8.75 -26.51 12.17
CA HIS B 89 -8.50 -25.36 13.02
C HIS B 89 -9.67 -25.02 13.92
N SER B 90 -9.38 -24.85 15.21
CA SER B 90 -10.36 -24.34 16.15
C SER B 90 -10.78 -22.93 15.77
N ASP B 91 -11.83 -22.43 16.42
CA ASP B 91 -12.31 -21.07 16.16
C ASP B 91 -11.22 -20.05 16.52
N PHE B 92 -10.47 -20.36 17.57
CA PHE B 92 -9.37 -19.51 18.00
C PHE B 92 -8.25 -19.54 16.97
N GLY B 93 -7.97 -20.74 16.49
CA GLY B 93 -6.98 -20.90 15.43
C GLY B 93 -7.33 -20.07 14.22
N MET B 94 -8.60 -20.09 13.84
CA MET B 94 -9.10 -19.28 12.73
C MET B 94 -8.92 -17.78 13.02
N LEU B 95 -9.21 -17.36 14.25
CA LEU B 95 -9.14 -15.96 14.61
C LEU B 95 -7.71 -15.50 14.49
N GLU B 96 -6.80 -16.34 14.94
CA GLU B 96 -5.38 -15.99 15.04
C GLU B 96 -4.71 -15.71 13.71
N MET B 97 -5.32 -16.20 12.63
CA MET B 97 -4.77 -15.93 11.32
C MET B 97 -4.84 -14.43 10.98
N GLY B 98 -5.77 -13.73 11.61
CA GLY B 98 -5.90 -12.29 11.40
C GLY B 98 -4.66 -11.56 11.89
N PRO B 99 -4.37 -11.66 13.20
CA PRO B 99 -3.14 -11.17 13.79
C PRO B 99 -1.93 -11.59 12.99
N CYS B 100 -1.92 -12.83 12.52
CA CYS B 100 -0.79 -13.32 11.76
C CYS B 100 -0.64 -12.62 10.41
N LEU B 101 -1.71 -12.46 9.67
CA LEU B 101 -1.60 -11.79 8.37
C LEU B 101 -1.24 -10.30 8.54
N HIS B 102 -1.76 -9.66 9.57
CA HIS B 102 -1.45 -8.26 9.83
C HIS B 102 0.05 -8.10 10.07
N THR B 103 0.60 -9.06 10.80
CA THR B 103 2.03 -9.12 11.09
C THR B 103 2.84 -9.43 9.83
N ILE B 104 2.41 -10.43 9.07
CA ILE B 104 3.13 -10.77 7.85
C ILE B 104 3.16 -9.59 6.86
N GLU B 105 2.08 -8.83 6.82
CA GLU B 105 1.96 -7.70 5.91
C GLU B 105 2.82 -6.50 6.33
N GLY B 106 3.53 -6.65 7.45
CA GLY B 106 4.40 -5.60 7.97
C GLY B 106 3.65 -4.41 8.54
N VAL B 107 2.36 -4.58 8.83
CA VAL B 107 1.52 -3.47 9.30
C VAL B 107 1.76 -3.18 10.80
N VAL B 108 1.78 -4.25 11.59
CA VAL B 108 1.91 -4.15 13.05
C VAL B 108 2.24 -5.53 13.58
N ARG B 109 2.98 -5.60 14.69
CA ARG B 109 3.23 -6.90 15.32
C ARG B 109 2.15 -7.17 16.37
N VAL B 110 1.32 -8.19 16.11
CA VAL B 110 0.13 -8.40 16.91
C VAL B 110 0.32 -9.55 17.89
N THR B 111 0.03 -9.30 19.17
CA THR B 111 0.01 -10.34 20.21
C THR B 111 -1.40 -10.50 20.85
N PRO B 112 -2.06 -11.65 20.63
CA PRO B 112 -3.34 -11.81 21.34
C PRO B 112 -3.13 -11.91 22.84
N LEU B 113 -3.92 -11.15 23.61
CA LEU B 113 -3.84 -11.20 25.06
C LEU B 113 -4.88 -12.14 25.74
N THR B 114 -6.15 -11.75 25.81
CA THR B 114 -7.24 -12.72 26.05
C THR B 114 -8.19 -12.73 24.87
N VAL B 115 -8.52 -13.92 24.38
CA VAL B 115 -9.49 -14.08 23.28
C VAL B 115 -10.51 -15.15 23.63
N ASP B 116 -11.77 -14.75 23.66
CA ASP B 116 -12.88 -15.65 23.91
C ASP B 116 -13.74 -15.66 22.65
N ILE B 117 -13.72 -16.78 21.91
CA ILE B 117 -14.47 -16.85 20.67
C ILE B 117 -15.19 -18.18 20.46
N ASN B 118 -16.43 -18.08 19.97
CA ASN B 118 -17.21 -19.24 19.52
C ASN B 118 -18.11 -18.74 18.41
N ILE B 119 -17.74 -19.09 17.17
CA ILE B 119 -18.39 -18.53 16.00
C ILE B 119 -19.86 -18.92 15.93
N ALA B 120 -20.15 -20.20 16.15
CA ALA B 120 -21.53 -20.68 16.15
C ALA B 120 -22.43 -19.89 17.10
N ALA B 121 -21.92 -19.62 18.29
CA ALA B 121 -22.73 -18.99 19.32
C ALA B 121 -22.69 -17.46 19.25
N GLY B 122 -21.98 -16.89 18.29
CA GLY B 122 -21.85 -15.45 18.18
C GLY B 122 -21.09 -14.83 19.34
N VAL B 123 -20.23 -15.61 19.95
CA VAL B 123 -19.41 -15.18 21.07
C VAL B 123 -18.09 -14.58 20.58
N TYR B 124 -17.82 -13.34 20.97
CA TYR B 124 -16.50 -12.76 20.72
C TYR B 124 -16.16 -11.63 21.69
N HIS B 125 -14.99 -11.76 22.31
CA HIS B 125 -14.41 -10.71 23.12
C HIS B 125 -12.90 -10.87 23.01
N GLY B 126 -12.23 -9.91 22.39
CA GLY B 126 -10.83 -10.07 22.09
C GLY B 126 -10.02 -8.83 22.43
N GLU B 127 -8.92 -9.04 23.15
CA GLU B 127 -7.98 -7.98 23.48
C GLU B 127 -6.63 -8.31 22.89
N PHE B 128 -5.99 -7.31 22.29
CA PHE B 128 -4.76 -7.55 21.54
C PHE B 128 -3.73 -6.49 21.84
N LEU B 129 -2.47 -6.92 21.86
CA LEU B 129 -1.35 -5.98 21.94
C LEU B 129 -0.80 -5.69 20.52
N TRP B 130 -0.56 -4.41 20.24
CA TRP B 130 0.00 -3.95 18.96
C TRP B 130 1.35 -3.28 19.17
N GLU B 131 2.40 -3.89 18.65
CA GLU B 131 3.71 -3.26 18.74
C GLU B 131 4.18 -2.84 17.36
N ASP B 132 4.93 -1.74 17.34
CA ASP B 132 5.51 -1.20 16.13
C ASP B 132 4.44 -0.86 15.07
N SER B 133 3.27 -0.37 15.50
CA SER B 133 2.24 0.09 14.55
C SER B 133 2.81 1.06 13.52
N PHE B 134 2.72 0.74 12.24
CA PHE B 134 3.29 1.66 11.24
C PHE B 134 2.46 2.94 11.25
N GLU B 135 1.18 2.79 11.50
CA GLU B 135 0.25 3.91 11.38
C GLU B 135 0.52 4.96 12.45
N GLY B 136 0.48 4.53 13.71
CA GLY B 136 0.75 5.41 14.82
C GLY B 136 2.08 6.10 14.63
N ASP B 137 3.07 5.31 14.23
CA ASP B 137 4.40 5.77 13.91
C ASP B 137 4.41 6.91 12.86
N VAL B 138 3.78 6.67 11.71
CA VAL B 138 3.81 7.64 10.62
C VAL B 138 2.99 8.88 10.95
N HIS B 139 1.87 8.67 11.63
CA HIS B 139 1.02 9.78 12.05
C HIS B 139 1.76 10.77 12.94
N ARG B 140 2.61 10.25 13.82
CA ARG B 140 3.25 11.11 14.80
C ARG B 140 4.55 11.69 14.25
N GLN B 141 4.97 11.23 13.08
CA GLN B 141 6.03 11.95 12.39
C GLN B 141 5.47 13.00 11.44
N MET B 142 4.38 12.70 10.76
CA MET B 142 3.75 13.68 9.88
C MET B 142 2.97 14.72 10.71
N PHE B 143 2.60 14.34 11.93
CA PHE B 143 2.04 15.30 12.88
C PHE B 143 2.80 15.10 14.19
N GLY B 144 2.16 15.45 15.30
CA GLY B 144 2.80 15.29 16.58
C GLY B 144 2.09 14.19 17.33
N VAL B 145 2.33 14.13 18.64
CA VAL B 145 1.53 13.28 19.49
C VAL B 145 0.09 13.74 19.37
N ALA B 146 -0.82 12.79 19.23
CA ALA B 146 -2.22 13.07 18.96
C ALA B 146 -3.07 12.91 20.21
N GLN B 147 -4.23 13.55 20.23
CA GLN B 147 -5.02 13.62 21.44
C GLN B 147 -5.97 12.43 21.55
N ALA B 148 -5.97 11.58 20.53
CA ALA B 148 -6.82 10.39 20.47
C ALA B 148 -6.12 9.30 19.64
N PRO B 149 -6.56 8.03 19.80
CA PRO B 149 -5.88 6.95 19.05
C PRO B 149 -5.93 7.18 17.54
N VAL B 150 -4.83 6.87 16.85
CA VAL B 150 -4.74 7.19 15.42
C VAL B 150 -4.46 6.00 14.47
N CYS B 151 -4.55 4.77 14.96
CA CYS B 151 -4.26 3.63 14.07
C CYS B 151 -5.52 3.20 13.32
N TRP B 152 -6.01 4.13 12.51
CA TRP B 152 -7.28 4.03 11.80
C TRP B 152 -7.42 2.81 10.90
N MET B 153 -6.49 2.69 9.96
CA MET B 153 -6.48 1.58 9.00
C MET B 153 -6.31 0.23 9.71
N GLN B 154 -5.49 0.22 10.77
CA GLN B 154 -5.25 -1.00 11.51
C GLN B 154 -6.52 -1.47 12.24
N ILE B 155 -7.27 -0.53 12.78
CA ILE B 155 -8.50 -0.87 13.48
C ILE B 155 -9.56 -1.33 12.49
N GLY B 156 -9.60 -0.69 11.33
CA GLY B 156 -10.50 -1.11 10.26
C GLY B 156 -10.24 -2.54 9.86
N TYR B 157 -8.97 -2.89 9.72
CA TYR B 157 -8.61 -4.27 9.40
C TYR B 157 -9.14 -5.27 10.44
N ALA B 158 -8.93 -4.98 11.72
CA ALA B 158 -9.38 -5.92 12.77
C ALA B 158 -10.91 -6.10 12.72
N THR B 159 -11.59 -4.96 12.59
CA THR B 159 -13.03 -4.92 12.51
C THR B 159 -13.52 -5.74 11.32
N GLY B 160 -12.90 -5.54 10.15
CA GLY B 160 -13.30 -6.25 8.94
C GLY B 160 -12.98 -7.72 8.99
N TYR B 161 -11.78 -8.07 9.45
CA TYR B 161 -11.39 -9.48 9.56
C TYR B 161 -12.34 -10.23 10.50
N THR B 162 -12.51 -9.71 11.70
CA THR B 162 -13.25 -10.42 12.72
C THR B 162 -14.75 -10.48 12.38
N SER B 163 -15.30 -9.38 11.85
CA SER B 163 -16.73 -9.33 11.48
C SER B 163 -17.03 -10.34 10.38
N ALA B 164 -16.11 -10.46 9.42
CA ALA B 164 -16.27 -11.40 8.33
C ALA B 164 -16.16 -12.83 8.86
N LEU B 165 -15.30 -13.03 9.84
CA LEU B 165 -15.11 -14.38 10.35
C LEU B 165 -16.31 -14.76 11.22
N MET B 166 -16.85 -13.80 11.96
CA MET B 166 -17.92 -14.10 12.90
C MET B 166 -19.28 -14.11 12.23
N GLY B 167 -19.40 -13.40 11.12
CA GLY B 167 -20.66 -13.28 10.41
C GLY B 167 -21.57 -12.30 11.10
N LYS B 168 -21.01 -11.48 11.98
CA LYS B 168 -21.77 -10.46 12.68
C LYS B 168 -20.83 -9.28 12.98
N THR B 169 -21.41 -8.10 13.18
CA THR B 169 -20.64 -6.90 13.39
C THR B 169 -19.80 -6.96 14.67
N ILE B 170 -18.50 -7.01 14.49
CA ILE B 170 -17.56 -6.92 15.61
C ILE B 170 -16.77 -5.63 15.50
N LEU B 171 -16.94 -4.70 16.42
CA LEU B 171 -16.18 -3.45 16.32
C LEU B 171 -15.00 -3.43 17.29
N TYR B 172 -13.89 -2.85 16.85
CA TYR B 172 -12.71 -2.68 17.69
C TYR B 172 -12.43 -1.21 18.00
N ARG B 173 -11.91 -0.96 19.20
CA ARG B 173 -11.38 0.35 19.55
C ARG B 173 -9.96 0.23 20.07
N GLU B 174 -9.15 1.26 19.90
CA GLU B 174 -7.86 1.31 20.59
C GLU B 174 -8.02 1.89 21.96
N LEU B 175 -7.47 1.21 22.96
CA LEU B 175 -7.52 1.72 24.32
C LEU B 175 -6.19 2.38 24.71
N GLU B 176 -5.12 2.05 23.99
CA GLU B 176 -3.86 2.80 24.09
C GLU B 176 -3.33 2.92 22.67
N CYS B 177 -2.48 3.92 22.43
CA CYS B 177 -1.92 4.13 21.10
C CYS B 177 -0.60 4.88 21.16
N VAL B 178 0.41 4.33 20.49
CA VAL B 178 1.72 4.99 20.37
C VAL B 178 1.58 6.40 19.82
N GLY B 179 0.52 6.63 19.05
CA GLY B 179 0.32 7.94 18.44
C GLY B 179 0.03 8.96 19.53
N CYS B 180 -0.40 8.48 20.69
CA CYS B 180 -0.71 9.35 21.82
C CYS B 180 0.40 9.34 22.86
N GLY B 181 1.54 8.76 22.50
CA GLY B 181 2.70 8.75 23.39
C GLY B 181 2.77 7.58 24.36
N HIS B 182 1.88 6.61 24.20
CA HIS B 182 1.98 5.36 24.96
C HIS B 182 3.03 4.47 24.32
N PRO B 183 3.64 3.59 25.12
CA PRO B 183 4.70 2.73 24.59
C PRO B 183 4.20 1.66 23.62
N HIS B 184 2.89 1.47 23.58
CA HIS B 184 2.29 0.49 22.69
C HIS B 184 0.85 0.83 22.39
N CYS B 185 0.28 0.12 21.43
CA CYS B 185 -1.14 0.21 21.19
C CYS B 185 -1.79 -1.01 21.83
N ARG B 186 -3.03 -0.86 22.27
CA ARG B 186 -3.79 -2.00 22.80
C ARG B 186 -5.23 -1.86 22.33
N ILE B 187 -5.83 -2.96 21.90
CA ILE B 187 -7.17 -2.89 21.35
C ILE B 187 -8.12 -3.90 22.02
N LEU B 188 -9.41 -3.61 21.93
CA LEU B 188 -10.45 -4.54 22.35
C LEU B 188 -11.50 -4.62 21.26
N GLY B 189 -11.98 -5.83 20.97
CA GLY B 189 -13.01 -6.04 19.98
C GLY B 189 -14.15 -6.85 20.59
N LYS B 190 -15.38 -6.47 20.29
CA LYS B 190 -16.55 -7.19 20.80
C LYS B 190 -17.76 -6.77 19.96
N PRO B 191 -18.88 -7.50 20.08
CA PRO B 191 -20.00 -7.16 19.21
C PRO B 191 -20.54 -5.75 19.44
N LEU B 192 -21.17 -5.20 18.39
CA LEU B 192 -21.76 -3.86 18.42
C LEU B 192 -22.58 -3.54 19.69
N GLU B 193 -23.44 -4.45 20.12
CA GLU B 193 -24.33 -4.18 21.28
C GLU B 193 -23.57 -3.94 22.59
N GLN B 194 -22.33 -4.41 22.68
CA GLN B 194 -21.54 -4.21 23.90
C GLN B 194 -20.78 -2.88 23.94
N TRP B 195 -20.84 -2.10 22.84
CA TRP B 195 -20.18 -0.78 22.81
C TRP B 195 -21.17 0.35 23.13
N GLU B 196 -20.75 1.26 24.01
CA GLU B 196 -21.63 2.34 24.46
C GLU B 196 -22.22 3.19 23.34
N ASP B 197 -21.38 3.72 22.45
CA ASP B 197 -21.89 4.45 21.30
C ASP B 197 -21.25 3.53 20.28
N GLY B 198 -22.04 2.55 19.84
CA GLY B 198 -21.56 1.50 18.97
C GLY B 198 -22.07 1.89 17.60
N GLU B 199 -23.29 2.39 17.53
CA GLU B 199 -23.86 2.59 16.22
C GLU B 199 -23.38 3.89 15.60
N ALA B 200 -22.71 4.71 16.41
CA ALA B 200 -21.98 5.87 15.89
C ALA B 200 -20.57 5.44 15.46
N GLU B 201 -20.10 4.33 16.01
CA GLU B 201 -18.82 3.77 15.60
C GLU B 201 -19.02 2.96 14.32
N LEU B 202 -20.13 2.24 14.24
CA LEU B 202 -20.51 1.52 13.01
C LEU B 202 -20.69 2.48 11.83
N ALA B 203 -20.95 3.74 12.14
CA ALA B 203 -21.24 4.74 11.11
C ALA B 203 -19.97 5.23 10.42
N LEU B 204 -18.83 5.10 11.09
CA LEU B 204 -17.55 5.45 10.49
C LEU B 204 -17.21 4.50 9.34
N TYR B 205 -17.86 3.34 9.32
CA TYR B 205 -17.58 2.33 8.31
C TYR B 205 -18.48 2.44 7.09
N GLN B 206 -19.41 3.39 7.13
CA GLN B 206 -20.27 3.68 5.99
C GLN B 206 -19.70 4.85 5.20
N PRO B 207 -19.44 4.66 3.89
CA PRO B 207 -18.94 5.71 3.00
C PRO B 207 -19.91 6.87 3.02
N ASP B 208 -19.39 8.09 2.95
CA ASP B 208 -20.20 9.29 3.20
C ASP B 208 -21.00 9.84 2.00
C1 IPH C . 9.28 2.65 -14.15
C2 IPH C . 9.65 3.13 -15.41
C3 IPH C . 10.71 4.03 -15.52
C4 IPH C . 11.39 4.42 -14.38
C5 IPH C . 11.02 3.94 -13.13
C6 IPH C . 9.96 3.05 -13.02
O1 IPH C . 8.21 1.76 -14.04
ZN ZN D . -1.84 2.25 -17.50
C1 IPH E . -5.49 -7.65 14.37
C2 IPH E . -6.10 -7.86 15.60
C3 IPH E . -7.23 -8.66 15.67
C4 IPH E . -7.75 -9.25 14.53
C5 IPH E . -7.13 -9.03 13.29
C6 IPH E . -5.99 -8.23 13.22
O1 IPH E . -4.34 -6.85 14.30
ZN ZN F . -2.28 2.93 17.68
#